data_8PYK
#
_entry.id   8PYK
#
_cell.length_a   69.537
_cell.length_b   69.537
_cell.length_c   140.442
_cell.angle_alpha   90.000
_cell.angle_beta   90.000
_cell.angle_gamma   90.000
#
_symmetry.space_group_name_H-M   'P 43 21 2'
#
loop_
_entity.id
_entity.type
_entity.pdbx_description
1 polymer 'Insulin-like growth factor 1 receptor beta chain'
2 non-polymer 5,5-dimethyl-1-(1H-pyrrolo[2,3-b]pyridin-3-ylmethyl)-3-[4-(trifluoromethylsulfanyl)phenyl]imidazolidine-2,4-dione
3 non-polymer 'NICKEL (II) ION'
4 water water
#
_entity_poly.entity_id   1
_entity_poly.type   'polypeptide(L)'
_entity_poly.pdbx_seq_one_letter_code
;MASVNPEYFSAADVYVPDEWEVAREKITMSRELGQGSFGMVYEGVAKGVVKDEPETRVAIKTVNEAASMRERIEFLNEAS
VMKEFNCHHVVRLLGVVSQGQPTLVIMELMTRGDLKSYLRSLRPEMENNPVLAPPSLSKMIQMAGEIADGMAYLNANKFV
HRDLAARNCMVAEDFTVKIGDFGMTRDIYETDYYRKGGKGLLPVRWMSPESLKDGVFTTYSDVWSFGVVLWEIATLAEQP
YQGLSNEQVLRFVMEGGLLDKPDNCPDMLFELMRMCWQYNPKMRPSFLEIISSIKEEMEPGFREVSFYYSEENKAENLYF
Q
;
_entity_poly.pdbx_strand_id   AAA
#
# COMPACT_ATOMS: atom_id res chain seq x y z
N VAL A 14 21.10 11.24 13.12
CA VAL A 14 20.29 11.41 14.38
C VAL A 14 18.81 11.67 14.02
N TYR A 15 17.99 11.94 15.05
CA TYR A 15 16.54 12.30 14.94
C TYR A 15 16.16 13.22 16.10
N VAL A 16 15.56 14.39 15.78
CA VAL A 16 15.16 15.44 16.77
C VAL A 16 13.69 15.26 17.15
N PRO A 17 13.38 14.83 18.42
CA PRO A 17 12.00 14.70 18.90
C PRO A 17 11.21 15.97 18.59
N ASP A 18 9.89 15.87 18.33
CA ASP A 18 9.06 17.05 17.95
C ASP A 18 7.64 16.89 18.52
N GLU A 19 6.69 17.67 18.01
CA GLU A 19 5.24 17.67 18.37
C GLU A 19 4.59 16.30 18.14
N TRP A 20 5.23 15.40 17.43
CA TRP A 20 4.65 14.07 17.12
C TRP A 20 4.95 13.07 18.25
N GLU A 21 5.81 13.47 19.20
CA GLU A 21 6.26 12.60 20.30
C GLU A 21 5.08 12.33 21.23
N VAL A 22 4.87 11.05 21.59
CA VAL A 22 3.91 10.63 22.65
C VAL A 22 4.67 9.87 23.74
N ALA A 23 4.26 10.09 24.98
CA ALA A 23 4.74 9.37 26.19
C ALA A 23 4.41 7.88 26.03
N ARG A 24 5.42 7.01 26.18
CA ARG A 24 5.28 5.53 26.03
C ARG A 24 4.15 5.00 26.93
N GLU A 25 3.90 5.65 28.07
CA GLU A 25 2.84 5.30 29.08
C GLU A 25 1.44 5.40 28.48
N LYS A 26 1.25 6.09 27.35
CA LYS A 26 -0.09 6.33 26.75
C LYS A 26 -0.49 5.15 25.85
N ILE A 27 0.47 4.34 25.41
CA ILE A 27 0.27 3.19 24.48
C ILE A 27 0.25 1.86 25.26
N THR A 28 -0.86 1.12 25.18
CA THR A 28 -0.97 -0.30 25.62
C THR A 28 -1.08 -1.19 24.37
N MET A 29 -0.39 -2.34 24.39
CA MET A 29 -0.32 -3.32 23.26
C MET A 29 -1.17 -4.56 23.58
N SER A 30 -2.17 -4.83 22.73
CA SER A 30 -3.24 -5.85 22.91
C SER A 30 -2.78 -7.20 22.36
N ARG A 31 -2.67 -7.31 21.04
CA ARG A 31 -2.27 -8.53 20.30
C ARG A 31 -1.38 -8.12 19.12
N GLU A 32 -0.73 -9.09 18.48
CA GLU A 32 0.18 -8.87 17.32
C GLU A 32 -0.65 -9.06 16.05
N LEU A 33 -0.32 -8.31 14.98
CA LEU A 33 -0.99 -8.37 13.65
C LEU A 33 -0.09 -9.11 12.66
N GLY A 34 1.22 -9.11 12.88
CA GLY A 34 2.19 -9.61 11.89
C GLY A 34 3.62 -9.29 12.26
N GLN A 35 4.54 -9.63 11.34
CA GLN A 35 6.00 -9.45 11.51
C GLN A 35 6.33 -7.96 11.37
N GLY A 36 6.82 -7.50 10.21
CA GLY A 36 7.22 -6.08 9.95
C GLY A 36 8.72 -5.96 9.76
N SER A 37 9.15 -4.94 9.01
CA SER A 37 10.52 -4.77 8.45
C SER A 37 11.58 -4.66 9.55
N PHE A 38 11.30 -3.84 10.57
CA PHE A 38 12.24 -3.41 11.62
C PHE A 38 11.84 -4.03 12.96
N GLY A 39 10.75 -4.82 12.98
CA GLY A 39 10.28 -5.58 14.15
C GLY A 39 8.77 -5.83 14.07
N MET A 40 8.20 -6.03 15.32
CA MET A 40 6.83 -6.61 15.50
C MET A 40 5.79 -5.49 15.33
N VAL A 41 4.69 -5.79 14.64
CA VAL A 41 3.52 -4.88 14.49
C VAL A 41 2.35 -5.39 15.38
N TYR A 42 1.79 -4.46 16.16
CA TYR A 42 0.74 -4.68 17.18
C TYR A 42 -0.50 -3.86 16.84
N GLU A 43 -1.62 -4.34 17.35
CA GLU A 43 -2.91 -3.62 17.51
C GLU A 43 -2.96 -3.18 18.99
N GLY A 44 -3.25 -1.91 19.26
CA GLY A 44 -3.20 -1.36 20.63
C GLY A 44 -4.17 -0.22 20.87
N VAL A 45 -3.92 0.54 21.93
CA VAL A 45 -4.72 1.74 22.33
C VAL A 45 -3.75 2.85 22.74
N ALA A 46 -3.92 4.04 22.16
CA ALA A 46 -3.17 5.27 22.51
C ALA A 46 -4.11 6.25 23.22
N LYS A 47 -3.60 6.95 24.25
CA LYS A 47 -4.38 7.88 25.12
C LYS A 47 -4.12 9.34 24.69
N GLY A 48 -5.19 10.14 24.58
CA GLY A 48 -5.12 11.54 24.13
C GLY A 48 -4.03 11.72 23.09
N VAL A 49 -4.20 11.12 21.91
CA VAL A 49 -3.27 11.30 20.75
C VAL A 49 -4.00 12.06 19.63
N VAL A 50 -5.33 12.19 19.76
CA VAL A 50 -6.27 12.80 18.77
C VAL A 50 -7.19 13.82 19.51
N LYS A 51 -7.63 14.90 18.84
CA LYS A 51 -8.55 15.95 19.43
C LYS A 51 -9.96 15.37 19.60
N ASP A 52 -10.55 15.58 20.78
CA ASP A 52 -11.98 15.33 21.13
C ASP A 52 -12.23 13.80 21.18
N GLU A 53 -11.19 13.01 21.51
CA GLU A 53 -11.18 11.53 21.48
C GLU A 53 -10.23 11.02 22.56
N PRO A 54 -10.71 10.55 23.74
CA PRO A 54 -9.80 10.33 24.88
C PRO A 54 -8.84 9.14 24.64
N GLU A 55 -9.35 8.06 24.02
CA GLU A 55 -8.60 6.85 23.61
C GLU A 55 -8.68 6.69 22.09
N THR A 56 -7.68 6.07 21.46
CA THR A 56 -7.70 5.71 20.00
C THR A 56 -7.13 4.29 19.80
N ARG A 57 -7.88 3.42 19.12
CA ARG A 57 -7.40 2.10 18.64
C ARG A 57 -6.33 2.35 17.58
N VAL A 58 -5.15 1.73 17.72
CA VAL A 58 -3.96 2.06 16.87
C VAL A 58 -3.29 0.79 16.34
N ALA A 59 -2.47 0.96 15.29
CA ALA A 59 -1.41 0.02 14.86
C ALA A 59 -0.07 0.54 15.38
N ILE A 60 0.76 -0.32 16.01
CA ILE A 60 2.14 -0.02 16.52
C ILE A 60 3.19 -0.80 15.72
N LYS A 61 4.04 -0.07 15.02
CA LYS A 61 5.23 -0.59 14.32
C LYS A 61 6.43 -0.44 15.27
N THR A 62 7.12 -1.52 15.61
CA THR A 62 8.26 -1.50 16.57
C THR A 62 9.58 -1.77 15.87
N VAL A 63 10.66 -1.17 16.39
CA VAL A 63 12.06 -1.55 16.04
C VAL A 63 12.45 -2.68 16.99
N ASN A 64 12.69 -3.87 16.44
CA ASN A 64 13.30 -5.02 17.16
C ASN A 64 14.39 -4.46 18.07
N GLU A 65 14.42 -4.93 19.33
CA GLU A 65 15.42 -4.53 20.36
C GLU A 65 16.84 -4.91 19.91
N ALA A 66 16.98 -5.92 19.03
CA ALA A 66 18.28 -6.44 18.54
C ALA A 66 18.90 -5.44 17.54
N ALA A 67 18.07 -4.64 16.88
CA ALA A 67 18.45 -3.71 15.78
C ALA A 67 19.50 -2.70 16.27
N SER A 68 20.35 -2.25 15.34
CA SER A 68 21.49 -1.31 15.55
C SER A 68 20.98 0.12 15.78
N MET A 69 21.90 1.02 16.17
CA MET A 69 21.69 2.48 16.28
C MET A 69 21.29 3.06 14.91
N ARG A 70 22.10 2.82 13.87
CA ARG A 70 21.88 3.26 12.46
C ARG A 70 20.45 2.95 12.04
N GLU A 71 19.93 1.77 12.40
CA GLU A 71 18.65 1.23 11.85
C GLU A 71 17.43 1.75 12.64
N ARG A 72 17.58 2.10 13.93
CA ARG A 72 16.57 2.81 14.77
C ARG A 72 16.35 4.23 14.23
N ILE A 73 17.44 4.91 13.85
CA ILE A 73 17.38 6.28 13.26
C ILE A 73 16.85 6.19 11.80
N GLU A 74 17.29 5.21 11.01
CA GLU A 74 16.70 4.93 9.67
C GLU A 74 15.17 4.87 9.80
N PHE A 75 14.65 4.08 10.75
CA PHE A 75 13.20 3.79 10.95
C PHE A 75 12.41 5.10 11.19
N LEU A 76 12.83 5.83 12.22
CA LEU A 76 12.27 7.15 12.62
C LEU A 76 12.27 8.14 11.43
N ASN A 77 13.35 8.21 10.65
CA ASN A 77 13.50 9.21 9.55
C ASN A 77 12.63 8.78 8.35
N GLU A 78 12.46 7.48 8.14
CA GLU A 78 11.53 6.95 7.10
C GLU A 78 10.08 7.33 7.47
N ALA A 79 9.68 7.06 8.71
CA ALA A 79 8.31 7.29 9.20
C ALA A 79 8.03 8.80 9.33
N SER A 80 9.03 9.65 9.54
CA SER A 80 8.89 11.12 9.53
C SER A 80 8.38 11.62 8.17
N VAL A 81 8.60 10.88 7.07
CA VAL A 81 8.04 11.25 5.74
C VAL A 81 6.52 11.44 5.89
N MET A 82 5.88 10.62 6.71
CA MET A 82 4.41 10.58 6.88
C MET A 82 3.87 11.80 7.64
N LYS A 83 4.71 12.52 8.38
CA LYS A 83 4.31 13.77 9.08
C LYS A 83 3.80 14.82 8.06
N GLU A 84 4.29 14.78 6.81
CA GLU A 84 3.97 15.73 5.72
C GLU A 84 2.57 15.46 5.18
N PHE A 85 2.00 14.30 5.47
CA PHE A 85 0.80 13.82 4.75
C PHE A 85 -0.50 14.15 5.51
N ASN A 86 -1.52 14.56 4.74
CA ASN A 86 -2.88 14.90 5.18
C ASN A 86 -3.91 14.47 4.14
N CYS A 87 -4.03 13.18 3.93
CA CYS A 87 -5.03 12.62 3.02
C CYS A 87 -5.74 11.49 3.75
N HIS A 88 -7.06 11.56 3.89
CA HIS A 88 -7.90 10.55 4.59
C HIS A 88 -7.78 9.24 3.81
N HIS A 89 -7.18 9.21 2.60
CA HIS A 89 -7.03 7.95 1.82
C HIS A 89 -5.61 7.39 1.89
N VAL A 90 -4.85 7.82 2.87
CA VAL A 90 -3.53 7.26 3.18
C VAL A 90 -3.57 6.99 4.67
N VAL A 91 -3.19 5.79 5.08
CA VAL A 91 -3.08 5.45 6.52
C VAL A 91 -2.23 6.54 7.20
N ARG A 92 -2.78 7.12 8.25
CA ARG A 92 -2.31 8.33 9.00
CA ARG A 92 -2.22 8.33 8.93
C ARG A 92 -1.36 7.91 10.11
N LEU A 93 -0.19 8.56 10.21
CA LEU A 93 0.72 8.54 11.40
C LEU A 93 0.05 9.33 12.50
N LEU A 94 0.10 8.85 13.74
CA LEU A 94 -0.58 9.50 14.88
C LEU A 94 0.43 9.92 15.93
N GLY A 95 1.72 9.56 15.78
CA GLY A 95 2.67 9.78 16.89
C GLY A 95 3.92 8.94 16.80
N VAL A 96 4.99 9.41 17.45
CA VAL A 96 6.25 8.62 17.55
C VAL A 96 6.67 8.52 19.01
N VAL A 97 7.42 7.47 19.31
CA VAL A 97 8.15 7.27 20.60
C VAL A 97 9.60 6.90 20.24
N SER A 98 10.47 7.92 20.24
CA SER A 98 11.91 7.80 19.90
C SER A 98 12.69 7.42 21.18
N GLN A 99 12.22 7.89 22.33
CA GLN A 99 12.87 7.76 23.66
C GLN A 99 12.79 6.28 24.10
N GLY A 100 13.93 5.71 24.53
CA GLY A 100 14.00 4.36 25.10
C GLY A 100 13.48 3.29 24.15
N GLN A 101 13.23 2.10 24.72
CA GLN A 101 13.04 0.81 24.01
C GLN A 101 11.70 0.19 24.40
N PRO A 102 10.92 -0.38 23.45
CA PRO A 102 11.24 -0.31 22.01
C PRO A 102 10.83 1.02 21.35
N THR A 103 11.45 1.34 20.22
CA THR A 103 11.11 2.50 19.37
C THR A 103 9.81 2.21 18.61
N LEU A 104 8.76 3.02 18.84
CA LEU A 104 7.39 2.87 18.30
C LEU A 104 7.03 4.04 17.36
N VAL A 105 6.24 3.71 16.34
CA VAL A 105 5.45 4.67 15.54
C VAL A 105 4.02 4.16 15.62
N ILE A 106 3.07 5.06 15.89
CA ILE A 106 1.63 4.74 16.12
C ILE A 106 0.86 5.25 14.89
N MET A 107 -0.13 4.49 14.45
CA MET A 107 -0.86 4.76 13.20
C MET A 107 -2.31 4.38 13.38
N GLU A 108 -3.14 4.97 12.53
CA GLU A 108 -4.57 4.66 12.30
C GLU A 108 -4.73 3.15 12.20
N LEU A 109 -5.69 2.58 12.93
CA LEU A 109 -6.01 1.13 12.88
C LEU A 109 -7.09 0.88 11.84
N MET A 110 -6.75 0.12 10.81
CA MET A 110 -7.67 -0.34 9.75
C MET A 110 -8.19 -1.75 10.15
N THR A 111 -9.37 -1.80 10.76
CA THR A 111 -9.88 -2.95 11.54
C THR A 111 -10.19 -4.13 10.62
N ARG A 112 -10.48 -3.88 9.35
CA ARG A 112 -10.84 -4.93 8.37
C ARG A 112 -9.62 -5.38 7.54
N GLY A 113 -8.40 -5.02 7.92
CA GLY A 113 -7.15 -5.55 7.34
C GLY A 113 -6.95 -5.09 5.90
N ASP A 114 -6.07 -5.80 5.17
CA ASP A 114 -5.62 -5.46 3.79
C ASP A 114 -6.68 -5.88 2.79
N LEU A 115 -6.66 -5.25 1.62
CA LEU A 115 -7.73 -5.37 0.60
C LEU A 115 -7.65 -6.74 -0.08
N LYS A 116 -6.48 -7.36 -0.14
CA LYS A 116 -6.34 -8.70 -0.76
C LYS A 116 -7.04 -9.74 0.11
N SER A 117 -6.83 -9.73 1.43
CA SER A 117 -7.51 -10.68 2.34
C SER A 117 -9.00 -10.44 2.26
N TYR A 118 -9.42 -9.17 2.26
CA TYR A 118 -10.84 -8.78 2.23
C TYR A 118 -11.48 -9.37 0.97
N LEU A 119 -10.85 -9.13 -0.19
CA LEU A 119 -11.31 -9.68 -1.48
C LEU A 119 -11.40 -11.20 -1.42
N ARG A 120 -10.36 -11.91 -0.98
CA ARG A 120 -10.36 -13.39 -0.86
C ARG A 120 -11.46 -13.86 0.09
N SER A 121 -11.77 -13.13 1.16
CA SER A 121 -12.86 -13.52 2.08
C SER A 121 -14.22 -13.45 1.38
N LEU A 122 -14.39 -12.64 0.32
CA LEU A 122 -15.69 -12.52 -0.41
C LEU A 122 -15.84 -13.69 -1.39
N ARG A 123 -14.82 -14.52 -1.56
CA ARG A 123 -15.00 -15.90 -2.10
C ARG A 123 -15.66 -16.75 -1.01
N PRO A 135 -18.26 -7.86 -6.19
CA PRO A 135 -19.31 -6.86 -5.91
C PRO A 135 -19.75 -6.16 -7.20
N SER A 136 -20.67 -5.19 -7.07
CA SER A 136 -21.26 -4.40 -8.20
C SER A 136 -20.22 -3.43 -8.77
N LEU A 137 -20.45 -2.94 -9.98
CA LEU A 137 -19.67 -1.86 -10.64
C LEU A 137 -19.51 -0.71 -9.64
N SER A 138 -20.57 -0.37 -8.92
CA SER A 138 -20.56 0.79 -8.00
C SER A 138 -19.57 0.58 -6.86
N LYS A 139 -19.57 -0.58 -6.20
CA LYS A 139 -18.60 -0.85 -5.11
C LYS A 139 -17.18 -0.89 -5.69
N MET A 140 -16.96 -1.50 -6.87
CA MET A 140 -15.59 -1.61 -7.45
C MET A 140 -15.10 -0.20 -7.81
N ILE A 141 -15.97 0.62 -8.39
CA ILE A 141 -15.68 2.02 -8.80
C ILE A 141 -15.36 2.85 -7.54
N GLN A 142 -16.16 2.70 -6.49
CA GLN A 142 -15.91 3.41 -5.22
C GLN A 142 -14.52 3.03 -4.73
N MET A 143 -14.24 1.73 -4.60
CA MET A 143 -12.93 1.25 -4.10
C MET A 143 -11.81 1.80 -4.99
N ALA A 144 -11.98 1.76 -6.30
CA ALA A 144 -10.98 2.31 -7.26
C ALA A 144 -10.77 3.79 -7.02
N GLY A 145 -11.82 4.59 -6.89
CA GLY A 145 -11.68 6.05 -6.70
C GLY A 145 -10.91 6.38 -5.41
N GLU A 146 -11.13 5.61 -4.37
CA GLU A 146 -10.55 5.84 -3.02
C GLU A 146 -9.06 5.50 -3.09
N ILE A 147 -8.74 4.44 -3.79
CA ILE A 147 -7.33 4.06 -4.04
C ILE A 147 -6.66 5.17 -4.87
N ALA A 148 -7.28 5.58 -5.97
CA ALA A 148 -6.76 6.63 -6.86
C ALA A 148 -6.63 7.95 -6.09
N ASP A 149 -7.49 8.19 -5.10
CA ASP A 149 -7.43 9.42 -4.29
C ASP A 149 -6.11 9.42 -3.48
N GLY A 150 -5.76 8.32 -2.77
CA GLY A 150 -4.53 8.36 -1.95
C GLY A 150 -3.32 8.43 -2.89
N MET A 151 -3.34 7.71 -4.00
CA MET A 151 -2.17 7.67 -4.92
C MET A 151 -1.91 9.02 -5.62
N ALA A 152 -2.99 9.75 -5.95
CA ALA A 152 -2.91 11.08 -6.56
C ALA A 152 -2.19 11.99 -5.56
N TYR A 153 -2.60 11.92 -4.29
CA TYR A 153 -2.01 12.74 -3.20
C TYR A 153 -0.49 12.38 -3.08
N LEU A 154 -0.17 11.08 -3.01
CA LEU A 154 1.23 10.64 -2.80
C LEU A 154 2.08 11.12 -4.00
N ASN A 155 1.63 10.84 -5.21
CA ASN A 155 2.38 11.16 -6.47
C ASN A 155 2.55 12.68 -6.59
N ALA A 156 1.59 13.49 -6.15
CA ALA A 156 1.70 14.96 -6.30
C ALA A 156 2.83 15.42 -5.39
N ASN A 157 3.03 14.70 -4.29
CA ASN A 157 3.97 15.10 -3.20
C ASN A 157 5.31 14.37 -3.38
N LYS A 158 5.57 13.86 -4.61
CA LYS A 158 6.86 13.26 -5.03
C LYS A 158 7.05 11.90 -4.32
N PHE A 159 5.97 11.25 -3.91
CA PHE A 159 6.02 9.95 -3.22
C PHE A 159 5.53 8.88 -4.18
N VAL A 160 6.48 8.08 -4.66
CA VAL A 160 6.19 6.97 -5.60
C VAL A 160 6.14 5.72 -4.71
N HIS A 161 5.01 5.04 -4.64
CA HIS A 161 4.79 3.94 -3.67
C HIS A 161 5.73 2.77 -3.99
N ARG A 162 5.74 2.23 -5.18
CA ARG A 162 6.73 1.12 -5.48
C ARG A 162 6.25 -0.28 -5.04
N ASP A 163 5.19 -0.40 -4.27
CA ASP A 163 4.60 -1.73 -4.00
C ASP A 163 3.10 -1.57 -3.95
N LEU A 164 2.54 -0.86 -4.89
CA LEU A 164 1.07 -0.67 -4.92
C LEU A 164 0.46 -2.02 -5.38
N ALA A 165 -0.47 -2.57 -4.62
CA ALA A 165 -1.05 -3.94 -4.72
C ALA A 165 -2.19 -4.03 -3.71
N ALA A 166 -3.20 -4.87 -3.94
CA ALA A 166 -4.36 -4.93 -3.02
C ALA A 166 -3.87 -5.26 -1.60
N ARG A 167 -2.79 -6.03 -1.47
CA ARG A 167 -2.25 -6.41 -0.14
C ARG A 167 -1.69 -5.17 0.58
N ASN A 168 -1.44 -4.06 -0.11
CA ASN A 168 -0.88 -2.89 0.58
C ASN A 168 -1.97 -1.82 0.74
N CYS A 169 -3.18 -2.08 0.23
CA CYS A 169 -4.39 -1.24 0.49
C CYS A 169 -5.07 -1.76 1.76
N MET A 170 -5.50 -0.87 2.62
CA MET A 170 -6.11 -1.23 3.91
C MET A 170 -7.56 -0.74 3.92
N VAL A 171 -8.40 -1.39 4.71
CA VAL A 171 -9.87 -1.24 4.75
C VAL A 171 -10.21 -0.92 6.19
N ALA A 172 -10.84 0.22 6.43
CA ALA A 172 -11.22 0.73 7.75
C ALA A 172 -12.55 0.11 8.18
N GLU A 173 -12.93 0.32 9.44
CA GLU A 173 -14.23 -0.04 10.05
C GLU A 173 -15.41 0.31 9.11
N ASP A 174 -15.38 1.52 8.52
CA ASP A 174 -16.48 2.05 7.67
C ASP A 174 -16.34 1.57 6.21
N PHE A 175 -15.38 0.69 5.90
CA PHE A 175 -15.16 0.09 4.57
C PHE A 175 -14.39 1.04 3.63
N THR A 176 -13.93 2.21 4.10
CA THR A 176 -13.00 3.13 3.38
C THR A 176 -11.68 2.40 3.03
N VAL A 177 -11.24 2.43 1.78
CA VAL A 177 -9.91 1.93 1.38
C VAL A 177 -8.85 3.03 1.53
N LYS A 178 -7.71 2.74 2.18
CA LYS A 178 -6.54 3.65 2.30
C LYS A 178 -5.24 2.97 1.80
N ILE A 179 -4.33 3.76 1.24
CA ILE A 179 -2.99 3.35 0.82
C ILE A 179 -2.20 3.15 2.12
N GLY A 180 -1.64 1.96 2.31
CA GLY A 180 -0.68 1.67 3.38
C GLY A 180 0.52 0.92 2.83
N ASP A 181 1.20 0.21 3.70
CA ASP A 181 2.37 -0.64 3.37
C ASP A 181 2.57 -1.57 4.55
N PHE A 182 2.19 -2.82 4.35
CA PHE A 182 2.24 -3.85 5.40
C PHE A 182 3.52 -4.61 5.12
N GLY A 183 4.68 -3.96 5.35
CA GLY A 183 5.99 -4.15 4.69
C GLY A 183 5.94 -4.78 3.27
N MET A 184 6.75 -5.84 3.09
CA MET A 184 7.09 -6.47 1.79
C MET A 184 7.24 -7.99 2.04
N THR A 185 6.19 -8.76 1.72
CA THR A 185 5.81 -10.12 2.26
C THR A 185 5.70 -10.08 3.78
N ARG A 186 4.54 -10.57 4.28
CA ARG A 186 4.21 -10.79 5.71
C ARG A 186 4.17 -12.33 5.89
N ASP A 187 4.85 -13.03 4.98
CA ASP A 187 4.73 -14.48 4.67
C ASP A 187 3.42 -14.73 3.90
N ILE A 188 2.34 -14.05 4.30
CA ILE A 188 0.95 -14.45 3.90
C ILE A 188 0.86 -14.41 2.38
N TYR A 189 1.56 -13.46 1.74
CA TYR A 189 1.49 -13.18 0.28
C TYR A 189 2.93 -13.34 -0.31
N GLU A 190 3.68 -14.30 0.25
CA GLU A 190 5.10 -14.59 -0.15
C GLU A 190 5.24 -15.01 -1.64
N THR A 191 4.16 -15.52 -2.24
CA THR A 191 4.11 -15.81 -3.71
C THR A 191 3.96 -14.53 -4.50
N ASP A 192 3.70 -13.38 -3.87
CA ASP A 192 3.61 -12.10 -4.59
C ASP A 192 5.01 -11.54 -4.87
N TYR A 193 6.07 -12.08 -4.27
CA TYR A 193 7.43 -11.48 -4.39
C TYR A 193 8.39 -12.49 -5.01
N TYR A 194 9.23 -11.98 -5.91
CA TYR A 194 10.41 -12.64 -6.53
C TYR A 194 11.70 -12.14 -5.87
N ARG A 195 12.52 -13.01 -5.29
CA ARG A 195 13.88 -12.71 -4.82
C ARG A 195 14.79 -12.59 -6.03
N LYS A 196 15.23 -11.39 -6.44
CA LYS A 196 16.23 -11.28 -7.54
C LYS A 196 17.63 -11.41 -6.90
N GLY A 197 18.09 -12.65 -6.74
CA GLY A 197 19.16 -12.97 -5.78
C GLY A 197 19.34 -11.81 -4.83
N GLY A 198 20.46 -11.08 -4.99
CA GLY A 198 21.01 -10.03 -4.10
C GLY A 198 20.16 -8.76 -4.03
N LYS A 199 19.78 -8.17 -5.18
CA LYS A 199 18.75 -7.11 -5.26
C LYS A 199 17.85 -7.15 -4.00
N GLY A 200 16.84 -8.04 -3.96
CA GLY A 200 15.85 -8.20 -2.89
C GLY A 200 14.52 -8.72 -3.43
N LEU A 201 13.41 -8.47 -2.70
CA LEU A 201 12.08 -8.96 -3.09
C LEU A 201 11.48 -7.96 -4.07
N LEU A 202 11.08 -8.38 -5.27
CA LEU A 202 10.35 -7.53 -6.24
C LEU A 202 8.94 -8.06 -6.42
N PRO A 203 7.92 -7.22 -6.34
CA PRO A 203 6.58 -7.65 -6.74
C PRO A 203 6.40 -7.68 -8.26
N VAL A 204 7.07 -8.61 -8.96
CA VAL A 204 7.18 -8.53 -10.46
C VAL A 204 5.80 -8.53 -11.13
N ARG A 205 4.80 -9.27 -10.61
CA ARG A 205 3.46 -9.32 -11.24
C ARG A 205 2.75 -7.94 -11.13
N TRP A 206 3.28 -6.95 -10.40
CA TRP A 206 2.66 -5.60 -10.29
C TRP A 206 3.55 -4.57 -10.97
N MET A 207 4.71 -4.95 -11.49
CA MET A 207 5.68 -3.97 -11.97
C MET A 207 5.52 -3.64 -13.45
N SER A 208 5.74 -2.36 -13.76
CA SER A 208 5.65 -1.79 -15.13
C SER A 208 6.84 -2.32 -15.91
N PRO A 209 6.75 -2.33 -17.24
CA PRO A 209 7.86 -2.73 -18.10
C PRO A 209 9.15 -1.95 -17.87
N GLU A 210 9.04 -0.64 -17.60
CA GLU A 210 10.23 0.22 -17.42
C GLU A 210 10.84 -0.07 -16.03
N SER A 211 10.05 -0.48 -15.05
CA SER A 211 10.51 -0.88 -13.69
C SER A 211 11.25 -2.22 -13.78
N LEU A 212 10.66 -3.17 -14.48
CA LEU A 212 11.32 -4.48 -14.66
C LEU A 212 12.63 -4.34 -15.43
N LYS A 213 12.66 -3.57 -16.50
CA LYS A 213 13.83 -3.55 -17.40
C LYS A 213 14.93 -2.64 -16.83
N ASP A 214 14.58 -1.47 -16.31
CA ASP A 214 15.56 -0.36 -16.13
C ASP A 214 15.57 0.11 -14.67
N GLY A 215 14.67 -0.43 -13.84
CA GLY A 215 14.53 0.02 -12.45
C GLY A 215 14.06 1.46 -12.38
N VAL A 216 13.15 1.82 -13.28
CA VAL A 216 12.54 3.18 -13.38
C VAL A 216 11.22 3.13 -12.65
N PHE A 217 11.10 3.90 -11.59
CA PHE A 217 9.86 3.97 -10.78
C PHE A 217 9.38 5.40 -10.81
N THR A 218 8.20 5.61 -11.36
CA THR A 218 7.60 6.97 -11.50
C THR A 218 6.11 6.85 -11.12
N THR A 219 5.43 7.98 -11.11
CA THR A 219 3.97 8.12 -11.03
C THR A 219 3.36 7.20 -12.06
N TYR A 220 3.89 7.18 -13.28
CA TYR A 220 3.39 6.31 -14.41
C TYR A 220 3.60 4.81 -14.07
N SER A 221 4.61 4.45 -13.30
CA SER A 221 4.76 3.04 -12.92
C SER A 221 3.80 2.74 -11.77
N ASP A 222 3.42 3.75 -10.97
CA ASP A 222 2.35 3.54 -9.95
C ASP A 222 1.03 3.35 -10.69
N VAL A 223 0.82 4.05 -11.79
CA VAL A 223 -0.48 3.94 -12.54
C VAL A 223 -0.63 2.53 -13.14
N TRP A 224 0.47 1.97 -13.65
CA TRP A 224 0.53 0.57 -14.16
C TRP A 224 0.04 -0.38 -13.06
N SER A 225 0.59 -0.22 -11.86
CA SER A 225 0.26 -1.07 -10.67
C SER A 225 -1.21 -0.92 -10.32
N PHE A 226 -1.73 0.29 -10.38
CA PHE A 226 -3.14 0.53 -10.06
C PHE A 226 -4.00 -0.32 -11.02
N GLY A 227 -3.64 -0.42 -12.30
CA GLY A 227 -4.37 -1.26 -13.26
C GLY A 227 -4.39 -2.69 -12.76
N VAL A 228 -3.26 -3.18 -12.25
CA VAL A 228 -3.17 -4.55 -11.69
C VAL A 228 -4.10 -4.62 -10.48
N VAL A 229 -4.18 -3.59 -9.66
CA VAL A 229 -5.09 -3.56 -8.47
C VAL A 229 -6.54 -3.66 -8.94
N LEU A 230 -6.91 -2.98 -10.04
CA LEU A 230 -8.29 -3.03 -10.60
C LEU A 230 -8.60 -4.46 -11.05
N TRP A 231 -7.62 -5.10 -11.68
CA TRP A 231 -7.72 -6.53 -12.08
C TRP A 231 -7.88 -7.38 -10.82
N GLU A 232 -7.16 -7.08 -9.74
CA GLU A 232 -7.33 -7.80 -8.45
C GLU A 232 -8.76 -7.60 -7.92
N ILE A 233 -9.30 -6.37 -7.99
CA ILE A 233 -10.71 -6.14 -7.56
C ILE A 233 -11.65 -7.00 -8.39
N ALA A 234 -11.47 -7.02 -9.70
CA ALA A 234 -12.43 -7.68 -10.62
C ALA A 234 -12.35 -9.20 -10.50
N THR A 235 -11.23 -9.76 -10.01
CA THR A 235 -11.05 -11.25 -9.89
C THR A 235 -11.13 -11.69 -8.44
N LEU A 236 -11.54 -10.80 -7.51
CA LEU A 236 -11.45 -11.04 -6.05
C LEU A 236 -10.06 -11.60 -5.74
N ALA A 237 -9.05 -10.93 -6.29
CA ALA A 237 -7.62 -11.07 -5.93
C ALA A 237 -7.10 -12.45 -6.31
N GLU A 238 -7.36 -12.95 -7.53
CA GLU A 238 -6.51 -13.95 -8.21
C GLU A 238 -5.06 -13.40 -8.30
N GLN A 239 -4.06 -14.27 -8.40
CA GLN A 239 -2.69 -13.92 -8.81
C GLN A 239 -2.68 -13.49 -10.26
N PRO A 240 -2.07 -12.34 -10.59
CA PRO A 240 -1.91 -11.93 -11.97
C PRO A 240 -0.96 -12.93 -12.65
N TYR A 241 -1.21 -13.22 -13.92
CA TYR A 241 -0.33 -14.10 -14.75
C TYR A 241 -0.19 -15.51 -14.10
N GLN A 242 -1.27 -16.05 -13.50
CA GLN A 242 -1.41 -17.43 -12.95
C GLN A 242 -0.93 -18.39 -14.03
N GLY A 243 -0.04 -19.30 -13.63
CA GLY A 243 0.53 -20.33 -14.51
C GLY A 243 1.74 -19.83 -15.26
N LEU A 244 2.12 -18.54 -15.18
CA LEU A 244 3.48 -18.12 -15.64
C LEU A 244 4.37 -18.10 -14.40
N SER A 245 5.61 -18.55 -14.52
CA SER A 245 6.64 -18.33 -13.46
C SER A 245 7.03 -16.85 -13.43
N ASN A 246 7.72 -16.46 -12.36
CA ASN A 246 8.34 -15.12 -12.17
C ASN A 246 9.15 -14.73 -13.43
N GLU A 247 10.02 -15.58 -13.95
CA GLU A 247 10.84 -15.22 -15.14
C GLU A 247 9.97 -15.08 -16.40
N GLN A 248 8.96 -15.95 -16.58
CA GLN A 248 8.01 -15.86 -17.72
C GLN A 248 7.20 -14.54 -17.64
N VAL A 249 6.90 -14.05 -16.44
CA VAL A 249 6.17 -12.74 -16.25
C VAL A 249 7.05 -11.59 -16.73
N LEU A 250 8.31 -11.55 -16.31
CA LEU A 250 9.33 -10.62 -16.81
C LEU A 250 9.27 -10.58 -18.33
N ARG A 251 9.60 -11.69 -18.98
CA ARG A 251 9.67 -11.78 -20.47
C ARG A 251 8.33 -11.31 -21.06
N PHE A 252 7.23 -11.87 -20.59
CA PHE A 252 5.89 -11.59 -21.16
C PHE A 252 5.63 -10.08 -21.11
N VAL A 253 5.82 -9.47 -19.95
CA VAL A 253 5.40 -8.05 -19.74
C VAL A 253 6.34 -7.12 -20.51
N MET A 254 7.65 -7.38 -20.48
CA MET A 254 8.67 -6.55 -21.16
C MET A 254 8.42 -6.59 -22.68
N GLU A 255 7.88 -7.68 -23.19
CA GLU A 255 7.63 -7.84 -24.65
C GLU A 255 6.20 -7.43 -25.05
N GLY A 256 5.44 -6.75 -24.18
CA GLY A 256 4.15 -6.14 -24.53
C GLY A 256 2.93 -6.98 -24.14
N GLY A 257 3.12 -8.10 -23.47
CA GLY A 257 2.01 -8.91 -22.96
C GLY A 257 1.21 -8.18 -21.89
N LEU A 258 -0.07 -8.48 -21.84
CA LEU A 258 -1.11 -7.86 -20.97
C LEU A 258 -1.94 -8.97 -20.32
N LEU A 259 -2.33 -8.77 -19.08
CA LEU A 259 -3.42 -9.54 -18.41
C LEU A 259 -4.67 -9.58 -19.31
N ASP A 260 -5.36 -10.70 -19.27
CA ASP A 260 -6.67 -10.90 -19.90
C ASP A 260 -7.76 -10.18 -19.10
N LYS A 261 -8.89 -9.98 -19.74
CA LYS A 261 -10.09 -9.40 -19.13
C LYS A 261 -10.57 -10.41 -18.13
N PRO A 262 -10.73 -10.05 -16.86
CA PRO A 262 -11.37 -10.95 -15.90
C PRO A 262 -12.79 -11.35 -16.37
N ASP A 263 -13.18 -12.58 -16.04
CA ASP A 263 -14.55 -13.08 -16.19
C ASP A 263 -15.51 -12.11 -15.51
N ASN A 264 -16.66 -11.88 -16.12
CA ASN A 264 -17.75 -11.02 -15.61
C ASN A 264 -17.23 -9.59 -15.39
N CYS A 265 -16.15 -9.18 -16.03
CA CYS A 265 -15.58 -7.80 -15.87
C CYS A 265 -16.48 -6.78 -16.55
N PRO A 266 -16.95 -5.74 -15.82
CA PRO A 266 -17.67 -4.63 -16.46
C PRO A 266 -16.72 -3.93 -17.43
N ASP A 267 -17.23 -3.55 -18.62
CA ASP A 267 -16.51 -2.82 -19.70
C ASP A 267 -15.71 -1.64 -19.13
N MET A 268 -16.35 -0.77 -18.37
CA MET A 268 -15.70 0.45 -17.87
C MET A 268 -14.42 0.10 -17.09
N LEU A 269 -14.48 -0.94 -16.26
CA LEU A 269 -13.35 -1.26 -15.37
C LEU A 269 -12.18 -1.82 -16.18
N PHE A 270 -12.46 -2.62 -17.20
CA PHE A 270 -11.42 -3.14 -18.07
C PHE A 270 -10.83 -2.04 -18.97
N GLU A 271 -11.63 -1.07 -19.42
CA GLU A 271 -11.10 0.07 -20.21
C GLU A 271 -10.07 0.82 -19.38
N LEU A 272 -10.40 1.08 -18.12
CA LEU A 272 -9.50 1.73 -17.16
C LEU A 272 -8.20 0.92 -17.06
N MET A 273 -8.26 -0.40 -16.89
CA MET A 273 -7.05 -1.25 -16.78
C MET A 273 -6.15 -1.03 -17.99
N ARG A 274 -6.74 -1.11 -19.16
CA ARG A 274 -5.99 -1.07 -20.43
C ARG A 274 -5.31 0.29 -20.54
N MET A 275 -5.99 1.36 -20.12
CA MET A 275 -5.42 2.71 -20.15
C MET A 275 -4.12 2.66 -19.35
N CYS A 276 -4.16 1.99 -18.21
CA CYS A 276 -3.06 1.94 -17.22
C CYS A 276 -1.91 1.10 -17.76
N TRP A 277 -2.13 0.25 -18.77
CA TRP A 277 -1.10 -0.72 -19.27
C TRP A 277 -0.56 -0.33 -20.65
N GLN A 278 -0.60 0.93 -21.00
CA GLN A 278 0.14 1.44 -22.18
C GLN A 278 1.61 1.17 -21.94
N TYR A 279 2.29 0.59 -22.93
CA TYR A 279 3.72 0.27 -22.88
C TYR A 279 4.53 1.55 -22.61
N ASN A 280 4.36 2.57 -23.42
CA ASN A 280 4.96 3.93 -23.22
C ASN A 280 4.36 4.55 -21.97
N PRO A 281 5.17 4.79 -20.91
CA PRO A 281 4.66 5.41 -19.68
C PRO A 281 3.90 6.72 -19.93
N LYS A 282 4.32 7.51 -20.90
CA LYS A 282 3.74 8.85 -21.19
C LYS A 282 2.29 8.77 -21.72
N MET A 283 1.85 7.64 -22.26
CA MET A 283 0.49 7.47 -22.81
C MET A 283 -0.47 7.00 -21.70
N ARG A 284 0.01 6.62 -20.52
CA ARG A 284 -0.88 6.21 -19.40
C ARG A 284 -1.54 7.47 -18.85
N PRO A 285 -2.76 7.40 -18.28
CA PRO A 285 -3.34 8.55 -17.58
C PRO A 285 -2.65 8.77 -16.23
N SER A 286 -2.71 9.98 -15.73
CA SER A 286 -2.34 10.37 -14.34
C SER A 286 -3.48 9.95 -13.44
N PHE A 287 -3.22 9.81 -12.15
CA PHE A 287 -4.28 9.50 -11.16
C PHE A 287 -5.38 10.55 -11.19
N LEU A 288 -5.04 11.81 -11.43
CA LEU A 288 -6.07 12.88 -11.55
C LEU A 288 -6.98 12.55 -12.74
N GLU A 289 -6.40 12.25 -13.92
CA GLU A 289 -7.17 11.87 -15.14
C GLU A 289 -8.07 10.67 -14.78
N ILE A 290 -7.57 9.69 -14.00
CA ILE A 290 -8.36 8.47 -13.63
C ILE A 290 -9.58 8.89 -12.75
N ILE A 291 -9.35 9.71 -11.74
CA ILE A 291 -10.46 10.22 -10.85
C ILE A 291 -11.53 10.97 -11.69
N SER A 292 -11.13 11.82 -12.64
CA SER A 292 -12.04 12.55 -13.58
C SER A 292 -12.89 11.56 -14.37
N SER A 293 -12.26 10.59 -15.02
CA SER A 293 -12.99 9.63 -15.88
C SER A 293 -13.95 8.82 -14.99
N ILE A 294 -13.56 8.48 -13.77
CA ILE A 294 -14.43 7.76 -12.80
C ILE A 294 -15.65 8.60 -12.39
N LYS A 295 -15.45 9.89 -12.12
CA LYS A 295 -16.47 10.83 -11.58
C LYS A 295 -17.53 11.10 -12.65
N GLU A 296 -17.05 11.38 -13.87
CA GLU A 296 -17.79 11.68 -15.12
C GLU A 296 -18.88 10.61 -15.38
N GLU A 297 -18.65 9.32 -15.05
CA GLU A 297 -19.68 8.24 -15.02
C GLU A 297 -19.74 7.61 -13.61
N MET A 298 -20.44 8.27 -12.67
CA MET A 298 -20.68 7.76 -11.29
C MET A 298 -22.18 7.88 -10.98
#